data_1G8F
#
_entry.id   1G8F
#
_cell.length_a   187.094
_cell.length_b   187.094
_cell.length_c   115.999
_cell.angle_alpha   90.00
_cell.angle_beta   90.00
_cell.angle_gamma   120.00
#
_symmetry.space_group_name_H-M   'H 3 2'
#
loop_
_entity.id
_entity.type
_entity.pdbx_description
1 polymer 'SULFATE ADENYLYLTRANSFERASE'
2 non-polymer 'CADMIUM ION'
3 non-polymer 'CALCIUM ION'
4 non-polymer 'SODIUM ION'
5 non-polymer 'MAGNESIUM ION'
6 non-polymer 'SULFATE ION'
7 non-polymer 2-AMINO-2-HYDROXYMETHYL-PROPANE-1,3-DIOL
8 non-polymer 'ACETIC ACID'
9 water water
#
_entity_poly.entity_id   1
_entity_poly.type   'polypeptide(L)'
_entity_poly.pdbx_seq_one_letter_code
;MPAPHGGILQDLIARDALKKNELLSEAQSSDILVWNLTPRQLCDIELILNGGFSPLTGFLNENDYSSVVTDSRLADGTLW
TIPITLDVDEAFANQIKPDTRIALFQDDEIPIAILTVQDVYKPNKTIEAERVFRGDPEHPAISYLFNVAGDYYVGGSLEA
IQLPQHYDYPGLRKTPAQLRLEFQSRQWDRVVAFQTRNPMHRAHRELTVRAAREANAKVLIHPVVGLTKPGDIDHHTRVR
VYQEIIKRYPNGIAFLSLLPLAMRMSGDREAVWHAIIRKNYGASHFIVGRDHAGPGKNSKGVDFYGPYDAQELVESYKHE
LDIEVVPFRMVTYLPDEDRYAPIDQIDTTKTRTLNISGTELRRRLRVGGEIPEWFSYPEVVKILRESNPPRPKQGFSIVL
GNSLTVSREQLSIALLSTFLQFGGGRYYKIFEHNNKTELLSLIQDFIGSGSGLIIPDQWEDDKDSVVGKQNVYLLDTSSS
ADIQLESADEPISHIVQKVVLFLEDNGFFVF
;
_entity_poly.pdbx_strand_id   A
#
loop_
_chem_comp.id
_chem_comp.type
_chem_comp.name
_chem_comp.formula
ACY non-polymer 'ACETIC ACID' 'C2 H4 O2'
CA non-polymer 'CALCIUM ION' 'Ca 2'
CD non-polymer 'CADMIUM ION' 'Cd 2'
MG non-polymer 'MAGNESIUM ION' 'Mg 2'
NA non-polymer 'SODIUM ION' 'Na 1'
SO4 non-polymer 'SULFATE ION' 'O4 S -2'
TRS non-polymer 2-AMINO-2-HYDROXYMETHYL-PROPANE-1,3-DIOL 'C4 H12 N O3 1'
#
# COMPACT_ATOMS: atom_id res chain seq x y z
N PRO A 2 19.95 -16.57 8.41
CA PRO A 2 20.03 -16.82 9.87
C PRO A 2 18.84 -17.61 10.39
N ALA A 3 18.85 -17.93 11.69
CA ALA A 3 17.74 -18.70 12.23
C ALA A 3 16.54 -17.79 12.39
N PRO A 4 15.33 -18.34 12.23
CA PRO A 4 14.09 -17.56 12.37
C PRO A 4 14.11 -16.92 13.76
N HIS A 5 13.39 -15.82 13.90
CA HIS A 5 13.31 -15.08 15.16
C HIS A 5 12.67 -15.98 16.23
N GLY A 6 13.35 -16.19 17.34
CA GLY A 6 12.80 -17.08 18.37
C GLY A 6 13.35 -18.49 18.17
N GLY A 7 14.06 -18.70 17.06
CA GLY A 7 14.70 -19.98 16.81
C GLY A 7 14.05 -21.03 15.91
N ILE A 8 12.73 -20.99 15.82
CA ILE A 8 11.98 -21.98 15.02
C ILE A 8 11.04 -21.32 14.01
N LEU A 9 11.07 -21.73 12.76
CA LEU A 9 10.16 -21.13 11.79
C LEU A 9 8.76 -21.70 12.11
N GLN A 10 7.85 -20.82 12.53
CA GLN A 10 6.49 -21.25 12.83
C GLN A 10 5.62 -21.29 11.57
N ASP A 11 5.96 -22.22 10.68
CA ASP A 11 5.22 -22.45 9.43
C ASP A 11 4.05 -23.36 9.88
N LEU A 12 2.90 -22.76 10.16
CA LEU A 12 1.74 -23.50 10.64
C LEU A 12 1.07 -24.33 9.54
N ILE A 13 1.23 -23.91 8.29
CA ILE A 13 0.67 -24.68 7.18
C ILE A 13 1.35 -26.06 7.23
N ALA A 14 2.68 -26.05 7.36
CA ALA A 14 3.46 -27.29 7.44
C ALA A 14 3.13 -28.03 8.74
N ARG A 15 3.12 -27.34 9.86
CA ARG A 15 2.83 -27.99 11.13
C ARG A 15 1.50 -28.74 11.12
N ASP A 16 0.47 -28.09 10.59
CA ASP A 16 -0.86 -28.66 10.57
C ASP A 16 -1.29 -29.40 9.28
N ALA A 17 -0.33 -29.73 8.43
CA ALA A 17 -0.66 -30.44 7.18
C ALA A 17 -1.60 -31.65 7.39
N LEU A 18 -1.31 -32.50 8.36
CA LEU A 18 -2.14 -33.68 8.58
C LEU A 18 -3.46 -33.44 9.30
N LYS A 19 -3.73 -32.17 9.61
CA LYS A 19 -4.98 -31.80 10.27
C LYS A 19 -5.86 -30.98 9.34
N LYS A 20 -5.43 -30.82 8.09
CA LYS A 20 -6.19 -29.99 7.13
C LYS A 20 -7.63 -30.40 6.89
N ASN A 21 -7.85 -31.67 6.55
CA ASN A 21 -9.22 -32.15 6.31
C ASN A 21 -10.05 -31.92 7.58
N GLU A 22 -9.48 -32.32 8.72
CA GLU A 22 -10.14 -32.20 10.02
C GLU A 22 -10.49 -30.77 10.38
N LEU A 23 -9.56 -29.85 10.17
CA LEU A 23 -9.80 -28.43 10.49
C LEU A 23 -10.80 -27.83 9.50
N LEU A 24 -10.73 -28.24 8.24
CA LEU A 24 -11.64 -27.74 7.23
C LEU A 24 -13.08 -28.17 7.58
N SER A 25 -13.25 -29.44 7.96
CA SER A 25 -14.57 -29.93 8.33
C SER A 25 -15.10 -29.17 9.54
N GLU A 26 -14.25 -28.94 10.53
CA GLU A 26 -14.65 -28.20 11.72
C GLU A 26 -15.03 -26.78 11.37
N ALA A 27 -14.25 -26.16 10.49
CA ALA A 27 -14.51 -24.77 10.09
C ALA A 27 -15.84 -24.65 9.37
N GLN A 28 -16.25 -25.75 8.72
CA GLN A 28 -17.51 -25.76 7.99
C GLN A 28 -18.70 -26.31 8.76
N SER A 29 -18.48 -26.71 10.01
CA SER A 29 -19.57 -27.24 10.83
C SER A 29 -20.59 -26.13 11.06
N SER A 30 -21.86 -26.50 11.20
CA SER A 30 -22.89 -25.49 11.40
C SER A 30 -22.88 -24.77 12.74
N ASP A 31 -22.34 -25.40 13.77
CA ASP A 31 -22.32 -24.80 15.10
C ASP A 31 -21.18 -23.85 15.45
N ILE A 32 -20.12 -23.85 14.65
CA ILE A 32 -18.99 -22.99 14.96
C ILE A 32 -19.20 -21.52 14.56
N LEU A 33 -18.69 -20.62 15.40
CA LEU A 33 -18.78 -19.19 15.18
C LEU A 33 -17.77 -18.82 14.09
N VAL A 34 -18.18 -17.93 13.19
CA VAL A 34 -17.32 -17.53 12.09
C VAL A 34 -17.02 -16.04 12.09
N TRP A 35 -15.75 -15.70 11.87
CA TRP A 35 -15.38 -14.30 11.78
C TRP A 35 -14.79 -14.13 10.39
N ASN A 36 -15.29 -13.16 9.65
CA ASN A 36 -14.78 -12.93 8.31
C ASN A 36 -13.66 -11.90 8.45
N LEU A 37 -12.45 -12.32 8.07
CA LEU A 37 -11.28 -11.45 8.17
C LEU A 37 -11.37 -10.23 7.28
N THR A 38 -10.90 -9.10 7.81
CA THR A 38 -10.89 -7.84 7.04
C THR A 38 -9.59 -7.85 6.20
N PRO A 39 -9.49 -6.96 5.20
CA PRO A 39 -8.29 -6.94 4.39
C PRO A 39 -6.98 -6.88 5.15
N ARG A 40 -6.89 -6.08 6.22
CA ARG A 40 -5.60 -6.03 6.95
C ARG A 40 -5.32 -7.33 7.75
N GLN A 41 -6.39 -7.89 8.32
CA GLN A 41 -6.27 -9.14 9.07
C GLN A 41 -5.83 -10.28 8.15
N LEU A 42 -6.22 -10.23 6.87
CA LEU A 42 -5.80 -11.27 5.95
C LEU A 42 -4.29 -11.16 5.69
N CYS A 43 -3.78 -9.93 5.60
CA CYS A 43 -2.32 -9.74 5.42
C CYS A 43 -1.59 -10.27 6.67
N ASP A 44 -2.09 -9.90 7.85
CA ASP A 44 -1.45 -10.36 9.07
C ASP A 44 -1.51 -11.88 9.27
N ILE A 45 -2.67 -12.49 9.03
CA ILE A 45 -2.78 -13.93 9.25
C ILE A 45 -1.92 -14.73 8.27
N GLU A 46 -1.71 -14.21 7.07
CA GLU A 46 -0.87 -14.92 6.10
C GLU A 46 0.57 -15.01 6.65
N LEU A 47 1.03 -13.90 7.23
CA LEU A 47 2.37 -13.82 7.80
C LEU A 47 2.50 -14.66 9.09
N ILE A 48 1.44 -14.76 9.87
CA ILE A 48 1.55 -15.61 11.06
C ILE A 48 1.59 -17.07 10.59
N LEU A 49 0.61 -17.46 9.77
CA LEU A 49 0.52 -18.83 9.28
C LEU A 49 1.72 -19.37 8.50
N ASN A 50 2.44 -18.49 7.77
CA ASN A 50 3.59 -19.00 7.00
C ASN A 50 4.92 -18.83 7.74
N GLY A 51 4.85 -18.39 9.00
CA GLY A 51 6.05 -18.24 9.81
C GLY A 51 6.77 -16.92 9.61
N GLY A 52 6.20 -16.05 8.77
CA GLY A 52 6.81 -14.77 8.52
C GLY A 52 6.88 -13.93 9.78
N PHE A 53 5.95 -14.17 10.72
CA PHE A 53 5.96 -13.45 12.00
C PHE A 53 6.51 -14.30 13.14
N SER A 54 7.32 -15.33 12.84
CA SER A 54 7.90 -16.14 13.92
C SER A 54 8.47 -15.15 14.94
N PRO A 55 8.35 -15.44 16.25
CA PRO A 55 7.75 -16.58 16.95
C PRO A 55 6.25 -16.61 17.13
N LEU A 56 5.53 -15.65 16.57
CA LEU A 56 4.08 -15.65 16.72
C LEU A 56 3.43 -16.91 16.12
N THR A 57 2.42 -17.42 16.83
CA THR A 57 1.66 -18.58 16.38
C THR A 57 0.16 -18.29 16.49
N GLY A 58 -0.17 -17.00 16.68
CA GLY A 58 -1.55 -16.59 16.77
C GLY A 58 -1.61 -15.08 16.91
N PHE A 59 -2.79 -14.53 17.22
CA PHE A 59 -2.93 -13.09 17.43
C PHE A 59 -2.67 -12.86 18.93
N LEU A 60 -1.98 -11.77 19.24
CA LEU A 60 -1.58 -11.47 20.60
C LEU A 60 -2.69 -11.29 21.64
N ASN A 61 -2.52 -11.99 22.75
CA ASN A 61 -3.47 -11.87 23.84
C ASN A 61 -3.04 -10.59 24.56
N GLU A 62 -3.82 -10.12 25.53
CA GLU A 62 -3.48 -8.86 26.19
C GLU A 62 -2.10 -8.82 26.86
N ASN A 63 -1.66 -9.95 27.41
CA ASN A 63 -0.36 -10.03 28.06
C ASN A 63 0.79 -9.66 27.13
N ASP A 64 0.84 -10.31 25.96
CA ASP A 64 1.90 -10.03 24.98
C ASP A 64 1.70 -8.65 24.39
N TYR A 65 0.45 -8.32 24.07
CA TYR A 65 0.08 -7.04 23.50
C TYR A 65 0.54 -5.86 24.35
N SER A 66 0.23 -5.91 25.65
CA SER A 66 0.61 -4.81 26.54
C SER A 66 2.11 -4.65 26.52
N SER A 67 2.82 -5.77 26.62
CA SER A 67 4.26 -5.76 26.62
C SER A 67 4.85 -5.19 25.30
N VAL A 68 4.22 -5.50 24.17
CA VAL A 68 4.67 -4.96 22.91
C VAL A 68 4.42 -3.45 22.89
N VAL A 69 3.24 -3.04 23.34
CA VAL A 69 2.92 -1.61 23.35
C VAL A 69 3.87 -0.74 24.18
N THR A 70 4.20 -1.21 25.39
CA THR A 70 5.07 -0.44 26.25
C THR A 70 6.55 -0.79 26.16
N ASP A 71 6.86 -2.07 26.01
CA ASP A 71 8.25 -2.50 25.97
C ASP A 71 8.82 -2.99 24.62
N SER A 72 8.02 -2.98 23.56
CA SER A 72 8.54 -3.43 22.26
C SER A 72 9.01 -4.87 22.35
N ARG A 73 8.35 -5.66 23.18
CA ARG A 73 8.71 -7.06 23.33
C ARG A 73 7.49 -7.89 23.71
N LEU A 74 7.53 -9.18 23.39
CA LEU A 74 6.46 -10.10 23.76
C LEU A 74 6.70 -10.30 25.26
N ALA A 75 5.68 -10.76 25.98
CA ALA A 75 5.82 -10.96 27.42
C ALA A 75 7.09 -11.74 27.80
N ASP A 76 7.51 -12.69 26.97
CA ASP A 76 8.71 -13.45 27.30
C ASP A 76 10.01 -12.70 27.00
N GLY A 77 9.90 -11.46 26.55
CA GLY A 77 11.11 -10.68 26.28
C GLY A 77 11.64 -10.69 24.85
N THR A 78 11.00 -11.44 23.97
CA THR A 78 11.44 -11.50 22.56
C THR A 78 11.16 -10.15 21.92
N LEU A 79 12.15 -9.57 21.25
CA LEU A 79 11.94 -8.28 20.57
C LEU A 79 10.81 -8.40 19.54
N TRP A 80 9.84 -7.49 19.62
CA TRP A 80 8.69 -7.45 18.74
C TRP A 80 8.05 -6.07 18.93
N THR A 81 8.12 -5.23 17.90
CA THR A 81 7.64 -3.85 17.98
C THR A 81 6.23 -3.47 17.50
N ILE A 82 5.58 -4.31 16.72
CA ILE A 82 4.24 -3.98 16.22
C ILE A 82 3.23 -4.99 16.71
N PRO A 83 2.16 -4.51 17.39
CA PRO A 83 1.13 -5.43 17.89
C PRO A 83 0.30 -5.97 16.73
N ILE A 84 0.11 -7.28 16.70
CA ILE A 84 -0.70 -7.91 15.64
C ILE A 84 -1.84 -8.55 16.43
N THR A 85 -3.03 -7.98 16.28
CA THR A 85 -4.18 -8.45 17.02
C THR A 85 -5.40 -8.63 16.14
N LEU A 86 -6.33 -9.45 16.58
CA LEU A 86 -7.57 -9.69 15.82
C LEU A 86 -8.64 -8.75 16.38
N ASP A 87 -8.89 -7.65 15.68
CA ASP A 87 -9.85 -6.63 16.12
C ASP A 87 -11.24 -6.93 15.60
N VAL A 88 -12.20 -6.99 16.51
CA VAL A 88 -13.59 -7.30 16.18
C VAL A 88 -14.53 -6.31 16.86
N ASP A 89 -15.81 -6.32 16.49
CA ASP A 89 -16.77 -5.42 17.13
C ASP A 89 -17.43 -6.06 18.35
N GLU A 90 -18.08 -5.25 19.18
CA GLU A 90 -18.73 -5.75 20.38
C GLU A 90 -19.70 -6.91 20.16
N ALA A 91 -20.57 -6.79 19.18
CA ALA A 91 -21.55 -7.84 18.89
C ALA A 91 -20.88 -9.22 18.75
N PHE A 92 -19.66 -9.24 18.23
CA PHE A 92 -18.96 -10.52 18.07
C PHE A 92 -18.21 -10.89 19.35
N ALA A 93 -17.55 -9.90 19.94
CA ALA A 93 -16.79 -10.14 21.14
C ALA A 93 -17.67 -10.69 22.26
N ASN A 94 -18.94 -10.31 22.27
CA ASN A 94 -19.85 -10.77 23.31
C ASN A 94 -20.17 -12.26 23.27
N GLN A 95 -20.21 -12.84 22.07
CA GLN A 95 -20.50 -14.26 21.98
C GLN A 95 -19.24 -15.11 22.03
N ILE A 96 -18.16 -14.52 22.54
CA ILE A 96 -16.85 -15.18 22.66
C ILE A 96 -16.42 -15.30 24.12
N LYS A 97 -15.67 -16.36 24.41
CA LYS A 97 -15.13 -16.58 25.75
C LYS A 97 -13.88 -17.44 25.59
N PRO A 98 -13.00 -17.46 26.61
CA PRO A 98 -11.79 -18.28 26.48
C PRO A 98 -12.12 -19.74 26.17
N ASP A 99 -11.23 -20.36 25.41
CA ASP A 99 -11.36 -21.75 25.01
C ASP A 99 -12.28 -21.93 23.81
N THR A 100 -13.13 -20.94 23.53
CA THR A 100 -14.00 -21.05 22.37
C THR A 100 -13.10 -21.18 21.13
N ARG A 101 -13.52 -22.01 20.18
CA ARG A 101 -12.77 -22.19 18.93
C ARG A 101 -13.63 -21.56 17.86
N ILE A 102 -13.05 -20.64 17.11
CA ILE A 102 -13.80 -19.98 16.06
C ILE A 102 -13.09 -20.15 14.73
N ALA A 103 -13.87 -20.13 13.65
CA ALA A 103 -13.34 -20.28 12.31
C ALA A 103 -13.10 -18.88 11.74
N LEU A 104 -11.97 -18.70 11.08
CA LEU A 104 -11.66 -17.41 10.47
C LEU A 104 -11.72 -17.62 8.97
N PHE A 105 -12.64 -16.91 8.31
CA PHE A 105 -12.86 -17.02 6.86
C PHE A 105 -12.38 -15.81 6.07
N GLN A 106 -12.26 -16.02 4.77
CA GLN A 106 -11.90 -14.98 3.82
C GLN A 106 -13.07 -14.89 2.85
N ASP A 107 -13.55 -13.67 2.59
CA ASP A 107 -14.66 -13.50 1.65
C ASP A 107 -15.91 -14.30 2.04
N ASP A 108 -16.11 -14.51 3.33
CA ASP A 108 -17.25 -15.28 3.82
C ASP A 108 -17.41 -16.62 3.11
N GLU A 109 -16.34 -17.17 2.57
CA GLU A 109 -16.48 -18.43 1.86
C GLU A 109 -15.31 -19.38 1.99
N ILE A 110 -14.11 -18.81 2.13
CA ILE A 110 -12.91 -19.63 2.23
C ILE A 110 -12.39 -19.75 3.67
N PRO A 111 -12.41 -20.96 4.23
CA PRO A 111 -11.91 -21.15 5.61
C PRO A 111 -10.39 -21.02 5.62
N ILE A 112 -9.89 -20.15 6.51
CA ILE A 112 -8.46 -19.91 6.57
C ILE A 112 -7.77 -20.54 7.76
N ALA A 113 -8.42 -20.46 8.93
CA ALA A 113 -7.84 -21.01 10.13
C ALA A 113 -8.88 -21.16 11.24
N ILE A 114 -8.50 -21.89 12.28
CA ILE A 114 -9.34 -22.01 13.46
C ILE A 114 -8.51 -21.38 14.59
N LEU A 115 -9.12 -20.43 15.29
CA LEU A 115 -8.47 -19.72 16.38
C LEU A 115 -9.02 -20.21 17.73
N THR A 116 -8.14 -20.61 18.64
CA THR A 116 -8.55 -21.05 19.96
C THR A 116 -8.38 -19.82 20.85
N VAL A 117 -9.50 -19.26 21.27
CA VAL A 117 -9.50 -18.05 22.08
C VAL A 117 -8.83 -18.17 23.43
N GLN A 118 -7.92 -17.24 23.72
CA GLN A 118 -7.25 -17.21 25.01
C GLN A 118 -7.91 -16.11 25.84
N ASP A 119 -8.17 -14.97 25.21
CA ASP A 119 -8.82 -13.86 25.90
C ASP A 119 -9.50 -12.90 24.94
N VAL A 120 -10.37 -12.05 25.48
CA VAL A 120 -11.08 -11.04 24.71
C VAL A 120 -10.94 -9.77 25.54
N TYR A 121 -10.48 -8.70 24.91
CA TYR A 121 -10.30 -7.44 25.63
C TYR A 121 -10.56 -6.19 24.81
N LYS A 122 -10.80 -5.08 25.51
CA LYS A 122 -11.08 -3.80 24.87
C LYS A 122 -9.86 -2.95 25.18
N PRO A 123 -8.96 -2.82 24.20
CA PRO A 123 -7.76 -2.02 24.45
C PRO A 123 -8.02 -0.53 24.43
N ASN A 124 -7.12 0.19 25.09
CA ASN A 124 -7.16 1.64 25.15
C ASN A 124 -6.49 2.13 23.88
N LYS A 125 -7.27 2.40 22.84
CA LYS A 125 -6.72 2.83 21.58
C LYS A 125 -5.99 4.17 21.67
N THR A 126 -6.22 4.92 22.74
CA THR A 126 -5.53 6.19 22.93
C THR A 126 -4.06 5.93 23.27
N ILE A 127 -3.81 4.98 24.17
CA ILE A 127 -2.45 4.64 24.58
C ILE A 127 -1.70 3.91 23.45
N GLU A 128 -2.41 3.10 22.67
CA GLU A 128 -1.76 2.36 21.59
C GLU A 128 -1.26 3.39 20.58
N ALA A 129 -2.15 4.28 20.16
CA ALA A 129 -1.80 5.33 19.20
C ALA A 129 -0.57 6.11 19.64
N GLU A 130 -0.53 6.45 20.92
CA GLU A 130 0.58 7.23 21.46
C GLU A 130 1.89 6.46 21.60
N ARG A 131 1.83 5.31 22.25
CA ARG A 131 3.01 4.49 22.48
C ARG A 131 3.62 3.81 21.25
N VAL A 132 2.77 3.35 20.33
CA VAL A 132 3.27 2.65 19.15
C VAL A 132 3.44 3.52 17.91
N PHE A 133 2.50 4.43 17.67
CA PHE A 133 2.54 5.25 16.46
C PHE A 133 2.87 6.72 16.66
N ARG A 134 3.25 7.07 17.88
CA ARG A 134 3.64 8.44 18.27
C ARG A 134 2.55 9.49 18.48
N GLY A 135 1.29 9.10 18.44
CA GLY A 135 0.20 10.04 18.71
C GLY A 135 -0.44 10.97 17.70
N ASP A 136 0.15 11.20 16.54
CA ASP A 136 -0.46 12.13 15.59
C ASP A 136 -1.71 11.56 14.92
N PRO A 137 -2.88 12.15 15.24
CA PRO A 137 -4.14 11.68 14.65
C PRO A 137 -4.12 11.53 13.14
N GLU A 138 -3.12 12.12 12.49
CA GLU A 138 -3.05 11.99 11.04
C GLU A 138 -2.18 10.81 10.59
N HIS A 139 -1.56 10.13 11.54
CA HIS A 139 -0.72 8.96 11.23
C HIS A 139 -1.64 7.89 10.64
N PRO A 140 -1.31 7.37 9.44
CA PRO A 140 -2.10 6.35 8.76
C PRO A 140 -2.60 5.21 9.65
N ALA A 141 -1.76 4.83 10.60
CA ALA A 141 -2.09 3.75 11.52
C ALA A 141 -3.10 4.17 12.57
N ILE A 142 -3.03 5.43 12.99
CA ILE A 142 -3.94 5.94 14.01
C ILE A 142 -5.30 6.13 13.38
N SER A 143 -5.30 6.64 12.16
CA SER A 143 -6.53 6.83 11.42
C SER A 143 -7.21 5.45 11.28
N TYR A 144 -6.41 4.44 10.92
CA TYR A 144 -6.93 3.07 10.78
C TYR A 144 -7.39 2.55 12.15
N LEU A 145 -6.56 2.73 13.16
CA LEU A 145 -6.87 2.25 14.50
C LEU A 145 -8.20 2.73 15.08
N PHE A 146 -8.58 3.98 14.76
CA PHE A 146 -9.83 4.54 15.28
C PHE A 146 -11.02 4.44 14.36
N ASN A 147 -10.81 4.71 13.08
CA ASN A 147 -11.90 4.69 12.11
C ASN A 147 -12.22 3.32 11.47
N VAL A 148 -11.26 2.40 11.48
CA VAL A 148 -11.49 1.11 10.82
C VAL A 148 -11.44 -0.11 11.72
N ALA A 149 -10.42 -0.17 12.58
CA ALA A 149 -10.22 -1.30 13.49
C ALA A 149 -11.37 -1.53 14.46
N GLY A 150 -11.57 -2.78 14.88
CA GLY A 150 -12.61 -3.08 15.84
C GLY A 150 -12.12 -2.66 17.21
N ASP A 151 -13.03 -2.46 18.15
CA ASP A 151 -12.65 -2.01 19.48
C ASP A 151 -12.27 -3.14 20.43
N TYR A 152 -12.50 -4.38 20.01
CA TYR A 152 -12.15 -5.51 20.87
C TYR A 152 -11.09 -6.39 20.21
N TYR A 153 -10.09 -6.80 20.98
CA TYR A 153 -9.03 -7.67 20.45
C TYR A 153 -9.24 -9.06 21.03
N VAL A 154 -9.06 -10.08 20.19
CA VAL A 154 -9.23 -11.47 20.61
C VAL A 154 -7.87 -12.16 20.52
N GLY A 155 -7.26 -12.43 21.67
CA GLY A 155 -5.98 -13.10 21.65
C GLY A 155 -6.20 -14.60 21.51
N GLY A 156 -5.33 -15.30 20.78
CA GLY A 156 -5.51 -16.73 20.65
C GLY A 156 -4.52 -17.43 19.74
N SER A 157 -4.43 -18.75 19.90
CA SER A 157 -3.54 -19.58 19.11
C SER A 157 -4.25 -20.01 17.83
N LEU A 158 -3.47 -20.12 16.76
CA LEU A 158 -4.00 -20.46 15.46
C LEU A 158 -3.61 -21.85 14.95
N GLU A 159 -4.52 -22.48 14.22
CA GLU A 159 -4.25 -23.76 13.57
C GLU A 159 -4.59 -23.46 12.12
N ALA A 160 -3.69 -23.80 11.20
CA ALA A 160 -3.88 -23.47 9.78
C ALA A 160 -4.68 -24.43 8.93
N ILE A 161 -5.48 -23.86 8.04
CA ILE A 161 -6.22 -24.62 7.05
C ILE A 161 -5.53 -24.30 5.70
N GLN A 162 -5.48 -23.01 5.35
CA GLN A 162 -4.81 -22.56 4.12
C GLN A 162 -4.43 -21.08 4.20
N LEU A 163 -3.46 -20.66 3.40
CA LEU A 163 -3.09 -19.24 3.42
C LEU A 163 -4.12 -18.48 2.61
N PRO A 164 -4.32 -17.18 2.90
CA PRO A 164 -5.28 -16.36 2.15
C PRO A 164 -5.07 -16.61 0.66
N GLN A 165 -6.18 -16.73 -0.07
CA GLN A 165 -6.15 -17.01 -1.50
C GLN A 165 -5.76 -15.79 -2.31
N HIS A 166 -4.85 -15.98 -3.27
CA HIS A 166 -4.38 -14.92 -4.17
C HIS A 166 -4.33 -15.57 -5.54
N TYR A 167 -4.96 -14.95 -6.54
CA TYR A 167 -4.93 -15.53 -7.86
C TYR A 167 -3.89 -14.88 -8.73
N ASP A 168 -3.35 -13.73 -8.32
CA ASP A 168 -2.32 -13.09 -9.12
C ASP A 168 -0.92 -13.48 -8.60
N TYR A 169 0.06 -13.47 -9.50
CA TYR A 169 1.45 -13.80 -9.15
C TYR A 169 1.72 -15.06 -8.32
N PRO A 170 1.09 -16.19 -8.68
CA PRO A 170 1.29 -17.45 -7.94
C PRO A 170 2.77 -17.80 -7.81
N GLY A 171 3.55 -17.52 -8.85
CA GLY A 171 4.98 -17.82 -8.80
C GLY A 171 5.86 -16.99 -7.86
N LEU A 172 5.51 -15.71 -7.67
CA LEU A 172 6.35 -14.84 -6.86
C LEU A 172 6.04 -14.69 -5.38
N ARG A 173 4.93 -15.25 -4.90
CA ARG A 173 4.58 -15.08 -3.49
C ARG A 173 5.18 -16.18 -2.63
N LYS A 174 6.51 -16.18 -2.48
CA LYS A 174 7.17 -17.22 -1.72
C LYS A 174 6.98 -17.10 -0.22
N THR A 175 6.71 -18.22 0.43
CA THR A 175 6.63 -18.23 1.89
C THR A 175 8.10 -18.27 2.37
N PRO A 176 8.31 -18.06 3.68
CA PRO A 176 9.67 -18.10 4.24
C PRO A 176 10.34 -19.45 3.92
N ALA A 177 9.60 -20.56 4.06
CA ALA A 177 10.22 -21.87 3.80
C ALA A 177 10.63 -22.02 2.35
N GLN A 178 9.74 -21.59 1.46
CA GLN A 178 10.00 -21.66 0.03
C GLN A 178 11.15 -20.76 -0.38
N LEU A 179 11.20 -19.55 0.16
CA LEU A 179 12.27 -18.62 -0.21
C LEU A 179 13.61 -19.19 0.24
N ARG A 180 13.66 -19.69 1.47
CA ARG A 180 14.92 -20.28 1.97
C ARG A 180 15.38 -21.43 1.06
N LEU A 181 14.44 -22.20 0.51
CA LEU A 181 14.81 -23.30 -0.41
C LEU A 181 15.31 -22.74 -1.74
N GLU A 182 14.75 -21.61 -2.18
CA GLU A 182 15.21 -21.01 -3.45
C GLU A 182 16.68 -20.57 -3.26
N PHE A 183 16.97 -19.99 -2.09
CA PHE A 183 18.32 -19.53 -1.80
C PHE A 183 19.24 -20.76 -1.69
N GLN A 184 18.76 -21.78 -0.98
CA GLN A 184 19.58 -22.98 -0.81
C GLN A 184 19.91 -23.67 -2.13
N SER A 185 18.95 -23.73 -3.04
CA SER A 185 19.22 -24.43 -4.29
C SER A 185 20.27 -23.71 -5.15
N ARG A 186 20.45 -22.41 -4.91
CA ARG A 186 21.43 -21.59 -5.63
C ARG A 186 22.75 -21.47 -4.82
N GLN A 187 22.79 -22.09 -3.64
CA GLN A 187 23.93 -22.01 -2.73
C GLN A 187 24.17 -20.58 -2.28
N TRP A 188 23.09 -19.81 -2.13
CA TRP A 188 23.24 -18.44 -1.68
C TRP A 188 23.22 -18.47 -0.15
N ASP A 189 24.30 -18.10 0.52
CA ASP A 189 24.28 -18.07 1.97
C ASP A 189 24.40 -16.64 2.51
N ARG A 190 24.53 -15.67 1.60
CA ARG A 190 24.54 -14.26 2.02
C ARG A 190 23.56 -13.55 1.05
N VAL A 191 22.52 -12.98 1.62
CA VAL A 191 21.46 -12.32 0.84
C VAL A 191 21.05 -11.01 1.50
N VAL A 192 21.10 -9.92 0.75
CA VAL A 192 20.70 -8.63 1.31
C VAL A 192 19.32 -8.26 0.73
N ALA A 193 18.36 -8.03 1.62
CA ALA A 193 16.99 -7.73 1.23
C ALA A 193 16.74 -6.23 1.15
N PHE A 194 15.96 -5.85 0.14
CA PHE A 194 15.57 -4.47 -0.13
C PHE A 194 14.05 -4.35 0.00
N GLN A 195 13.61 -3.51 0.92
CA GLN A 195 12.19 -3.25 1.18
C GLN A 195 11.72 -2.12 0.25
N THR A 196 10.50 -2.22 -0.25
CA THR A 196 9.96 -1.14 -1.06
C THR A 196 8.45 -1.26 -1.21
N ARG A 197 7.81 -0.11 -1.33
CA ARG A 197 6.37 -0.02 -1.57
C ARG A 197 6.20 0.99 -2.71
N ASN A 198 7.26 1.21 -3.47
CA ASN A 198 7.23 2.17 -4.60
C ASN A 198 7.86 1.62 -5.86
N PRO A 199 7.74 2.37 -6.97
CA PRO A 199 8.36 1.91 -8.20
C PRO A 199 9.87 1.98 -7.92
N MET A 200 10.68 1.24 -8.67
CA MET A 200 12.13 1.30 -8.51
C MET A 200 12.70 1.97 -9.74
N HIS A 201 13.52 2.98 -9.52
CA HIS A 201 14.14 3.73 -10.60
C HIS A 201 15.63 3.38 -10.65
N ARG A 202 16.37 4.01 -11.55
CA ARG A 202 17.78 3.72 -11.72
C ARG A 202 18.57 3.77 -10.39
N ALA A 203 18.30 4.79 -9.58
CA ALA A 203 18.97 4.96 -8.28
C ALA A 203 18.79 3.74 -7.37
N HIS A 204 17.61 3.13 -7.40
CA HIS A 204 17.38 1.96 -6.53
C HIS A 204 18.15 0.74 -7.04
N ARG A 205 18.17 0.56 -8.35
CA ARG A 205 18.93 -0.56 -8.93
C ARG A 205 20.39 -0.36 -8.53
N GLU A 206 20.89 0.86 -8.72
CA GLU A 206 22.28 1.13 -8.37
C GLU A 206 22.60 0.92 -6.89
N LEU A 207 21.76 1.44 -6.01
CA LEU A 207 22.04 1.27 -4.60
C LEU A 207 21.99 -0.20 -4.14
N THR A 208 21.10 -1.00 -4.71
CA THR A 208 21.03 -2.41 -4.30
C THR A 208 22.22 -3.21 -4.82
N VAL A 209 22.66 -2.95 -6.05
CA VAL A 209 23.84 -3.65 -6.59
C VAL A 209 25.09 -3.27 -5.76
N ARG A 210 25.18 -2.00 -5.34
CA ARG A 210 26.34 -1.58 -4.53
C ARG A 210 26.31 -2.25 -3.17
N ALA A 211 25.11 -2.37 -2.61
CA ALA A 211 24.93 -3.03 -1.33
C ALA A 211 25.42 -4.48 -1.47
N ALA A 212 25.06 -5.11 -2.57
CA ALA A 212 25.47 -6.49 -2.81
C ALA A 212 26.97 -6.61 -2.91
N ARG A 213 27.58 -5.64 -3.58
CA ARG A 213 29.02 -5.66 -3.76
C ARG A 213 29.72 -5.53 -2.41
N GLU A 214 29.27 -4.58 -1.60
CA GLU A 214 29.90 -4.35 -0.31
C GLU A 214 29.68 -5.44 0.73
N ALA A 215 28.51 -6.05 0.73
CA ALA A 215 28.24 -7.12 1.70
C ALA A 215 28.60 -8.49 1.14
N ASN A 216 29.12 -8.54 -0.09
CA ASN A 216 29.44 -9.83 -0.70
C ASN A 216 28.21 -10.72 -0.57
N ALA A 217 27.06 -10.18 -0.95
CA ALA A 217 25.79 -10.89 -0.85
C ALA A 217 25.00 -10.79 -2.14
N LYS A 218 24.05 -11.71 -2.29
CA LYS A 218 23.14 -11.70 -3.44
C LYS A 218 21.98 -10.76 -3.11
N VAL A 219 21.21 -10.34 -4.10
CA VAL A 219 20.12 -9.40 -3.84
C VAL A 219 18.69 -9.98 -3.79
N LEU A 220 17.94 -9.64 -2.74
CA LEU A 220 16.54 -10.03 -2.67
C LEU A 220 15.68 -8.74 -2.75
N ILE A 221 14.96 -8.57 -3.85
CA ILE A 221 14.04 -7.42 -3.97
C ILE A 221 12.77 -8.00 -3.35
N HIS A 222 12.34 -7.42 -2.23
CA HIS A 222 11.22 -7.97 -1.46
C HIS A 222 10.11 -6.92 -1.23
N PRO A 223 9.43 -6.53 -2.31
CA PRO A 223 8.38 -5.51 -2.19
C PRO A 223 7.12 -5.90 -1.46
N VAL A 224 6.51 -4.91 -0.82
CA VAL A 224 5.27 -5.15 -0.11
C VAL A 224 4.11 -5.08 -1.10
N VAL A 225 3.26 -6.10 -1.09
CA VAL A 225 2.11 -6.11 -1.97
C VAL A 225 0.81 -6.29 -1.19
N GLY A 226 0.87 -6.19 0.14
CA GLY A 226 -0.33 -6.32 0.97
C GLY A 226 -0.95 -4.93 1.08
N LEU A 227 -0.88 -4.30 2.24
CA LEU A 227 -1.39 -2.93 2.38
C LEU A 227 -0.18 -2.02 2.55
N THR A 228 -0.18 -0.87 1.86
CA THR A 228 0.93 0.07 1.98
C THR A 228 0.40 1.47 2.38
N LYS A 229 1.07 2.54 1.97
CA LYS A 229 0.61 3.88 2.35
C LYS A 229 -0.57 4.32 1.45
N PRO A 230 -1.58 5.00 2.03
CA PRO A 230 -2.72 5.42 1.20
C PRO A 230 -2.19 6.29 0.05
N GLY A 231 -2.69 6.07 -1.16
CA GLY A 231 -2.21 6.86 -2.30
C GLY A 231 -1.05 6.26 -3.09
N ASP A 232 -0.48 5.16 -2.61
CA ASP A 232 0.65 4.52 -3.31
C ASP A 232 0.22 3.95 -4.65
N ILE A 233 1.19 3.69 -5.52
CA ILE A 233 0.91 3.11 -6.81
C ILE A 233 0.40 1.69 -6.51
N ASP A 234 -0.59 1.22 -7.28
CA ASP A 234 -1.17 -0.11 -7.05
C ASP A 234 -0.13 -1.19 -7.20
N HIS A 235 -0.23 -2.28 -6.44
CA HIS A 235 0.79 -3.30 -6.54
C HIS A 235 0.91 -3.98 -7.88
N HIS A 236 -0.14 -3.98 -8.70
CA HIS A 236 0.00 -4.63 -10.00
C HIS A 236 0.96 -3.82 -10.84
N THR A 237 0.80 -2.51 -10.85
CA THR A 237 1.71 -1.66 -11.60
C THR A 237 3.12 -1.83 -11.02
N ARG A 238 3.25 -1.81 -9.71
CA ARG A 238 4.58 -1.95 -9.10
C ARG A 238 5.24 -3.30 -9.42
N VAL A 239 4.47 -4.38 -9.34
CA VAL A 239 5.04 -5.67 -9.65
C VAL A 239 5.54 -5.69 -11.08
N ARG A 240 4.79 -5.08 -12.01
CA ARG A 240 5.24 -5.04 -13.39
C ARG A 240 6.58 -4.30 -13.46
N VAL A 241 6.70 -3.23 -12.68
CA VAL A 241 7.94 -2.46 -12.63
C VAL A 241 9.09 -3.32 -12.05
N TYR A 242 8.82 -4.07 -10.99
CA TYR A 242 9.88 -4.90 -10.42
C TYR A 242 10.30 -6.02 -11.38
N GLN A 243 9.34 -6.61 -12.07
CA GLN A 243 9.66 -7.69 -13.00
C GLN A 243 10.51 -7.15 -14.13
N GLU A 244 10.28 -5.89 -14.47
CA GLU A 244 11.06 -5.30 -15.55
C GLU A 244 12.48 -4.97 -15.06
N ILE A 245 12.57 -4.33 -13.90
CA ILE A 245 13.88 -3.92 -13.40
C ILE A 245 14.80 -5.07 -12.94
N ILE A 246 14.24 -6.19 -12.47
CA ILE A 246 15.08 -7.31 -12.02
C ILE A 246 15.91 -7.81 -13.21
N LYS A 247 15.43 -7.52 -14.43
CA LYS A 247 16.13 -7.93 -15.63
C LYS A 247 17.35 -7.05 -15.93
N ARG A 248 17.47 -5.93 -15.21
CA ARG A 248 18.59 -5.03 -15.43
C ARG A 248 19.77 -5.29 -14.47
N TYR A 249 19.69 -6.36 -13.69
CA TYR A 249 20.79 -6.72 -12.77
C TYR A 249 21.69 -7.73 -13.48
N PRO A 250 22.95 -7.87 -13.04
CA PRO A 250 23.78 -8.87 -13.73
C PRO A 250 23.16 -10.26 -13.49
N ASN A 251 23.18 -11.11 -14.52
CA ASN A 251 22.56 -12.44 -14.42
C ASN A 251 22.95 -13.17 -13.14
N GLY A 252 21.97 -13.73 -12.44
CA GLY A 252 22.28 -14.51 -11.24
C GLY A 252 22.58 -13.76 -9.96
N ILE A 253 22.38 -12.46 -9.95
CA ILE A 253 22.70 -11.68 -8.76
C ILE A 253 21.48 -11.43 -7.88
N ALA A 254 20.30 -11.37 -8.51
CA ALA A 254 19.07 -11.01 -7.80
C ALA A 254 17.88 -11.96 -7.93
N PHE A 255 16.97 -11.87 -6.97
CA PHE A 255 15.76 -12.68 -6.92
C PHE A 255 14.62 -11.76 -6.46
N LEU A 256 13.47 -11.90 -7.10
CA LEU A 256 12.31 -11.11 -6.74
C LEU A 256 11.27 -12.01 -6.05
N SER A 257 10.81 -11.60 -4.89
CA SER A 257 9.77 -12.33 -4.17
C SER A 257 8.84 -11.26 -3.55
N LEU A 258 7.52 -11.51 -3.54
CA LEU A 258 6.56 -10.52 -3.04
C LEU A 258 6.19 -10.82 -1.58
N LEU A 259 6.12 -9.77 -0.77
CA LEU A 259 5.79 -9.89 0.65
C LEU A 259 4.37 -9.37 0.88
N PRO A 260 3.44 -10.24 1.30
CA PRO A 260 2.04 -9.85 1.55
C PRO A 260 1.78 -9.14 2.89
N LEU A 261 2.73 -8.30 3.28
CA LEU A 261 2.66 -7.54 4.53
C LEU A 261 1.72 -6.36 4.48
N ALA A 262 1.09 -6.06 5.62
CA ALA A 262 0.25 -4.88 5.76
C ALA A 262 1.12 -3.93 6.57
N MET A 263 1.73 -2.96 5.91
CA MET A 263 2.57 -2.00 6.61
C MET A 263 1.69 -1.12 7.51
N ARG A 264 2.28 -0.60 8.59
CA ARG A 264 1.55 0.32 9.46
C ARG A 264 2.06 1.74 9.21
N MET A 265 3.11 1.84 8.39
CA MET A 265 3.80 3.10 8.10
C MET A 265 4.28 3.59 9.45
N SER A 266 4.81 2.66 10.25
CA SER A 266 5.24 3.01 11.60
C SER A 266 6.73 3.26 11.84
N GLY A 267 7.36 3.89 10.86
CA GLY A 267 8.76 4.27 10.94
C GLY A 267 9.76 3.39 11.65
N ASP A 268 10.37 3.92 12.71
CA ASP A 268 11.40 3.17 13.43
C ASP A 268 10.93 1.83 13.96
N ARG A 269 9.80 1.78 14.64
CA ARG A 269 9.31 0.47 15.11
C ARG A 269 9.07 -0.47 13.91
N GLU A 270 8.55 0.07 12.80
CA GLU A 270 8.29 -0.78 11.63
C GLU A 270 9.58 -1.29 11.02
N ALA A 271 10.62 -0.45 11.04
CA ALA A 271 11.91 -0.85 10.50
C ALA A 271 12.44 -2.07 11.27
N VAL A 272 12.28 -2.07 12.59
CA VAL A 272 12.74 -3.18 13.40
C VAL A 272 11.90 -4.41 13.03
N TRP A 273 10.60 -4.22 12.89
CA TRP A 273 9.69 -5.32 12.55
C TRP A 273 10.10 -5.87 11.17
N HIS A 274 10.41 -4.98 10.22
CA HIS A 274 10.88 -5.41 8.89
C HIS A 274 12.15 -6.25 8.94
N ALA A 275 13.08 -5.87 9.82
CA ALA A 275 14.32 -6.62 9.95
C ALA A 275 14.02 -8.04 10.41
N ILE A 276 13.10 -8.16 11.36
CA ILE A 276 12.76 -9.47 11.88
C ILE A 276 12.09 -10.34 10.82
N ILE A 277 11.18 -9.73 10.07
CA ILE A 277 10.45 -10.44 9.02
C ILE A 277 11.40 -10.92 7.93
N ARG A 278 12.32 -10.07 7.49
CA ARG A 278 13.27 -10.48 6.45
C ARG A 278 14.19 -11.61 6.95
N LYS A 279 14.48 -11.57 8.24
CA LYS A 279 15.30 -12.62 8.83
C LYS A 279 14.50 -13.94 8.77
N ASN A 280 13.22 -13.86 9.09
CA ASN A 280 12.39 -15.07 9.03
C ASN A 280 12.34 -15.61 7.60
N TYR A 281 12.31 -14.72 6.62
CA TYR A 281 12.27 -15.10 5.21
C TYR A 281 13.62 -15.61 4.66
N GLY A 282 14.68 -15.58 5.48
CA GLY A 282 15.97 -16.11 5.03
C GLY A 282 17.07 -15.13 4.65
N ALA A 283 16.82 -13.84 4.77
CA ALA A 283 17.87 -12.87 4.41
C ALA A 283 18.92 -12.78 5.51
N SER A 284 20.19 -12.61 5.11
CA SER A 284 21.29 -12.45 6.09
C SER A 284 21.56 -10.96 6.40
N HIS A 285 21.19 -10.09 5.45
CA HIS A 285 21.38 -8.65 5.54
C HIS A 285 20.09 -7.89 5.16
N PHE A 286 19.97 -6.65 5.63
CA PHE A 286 18.80 -5.83 5.36
C PHE A 286 19.18 -4.36 5.26
N ILE A 287 18.56 -3.66 4.33
CA ILE A 287 18.85 -2.24 4.15
C ILE A 287 17.77 -1.41 4.86
N VAL A 288 18.18 -0.52 5.76
CA VAL A 288 17.23 0.33 6.45
C VAL A 288 17.36 1.75 5.87
N GLY A 289 16.31 2.21 5.19
CA GLY A 289 16.33 3.51 4.54
C GLY A 289 16.21 4.78 5.39
N ARG A 290 16.37 5.92 4.73
CA ARG A 290 16.23 7.22 5.40
C ARG A 290 14.71 7.32 5.54
N ASP A 291 14.23 7.66 6.73
CA ASP A 291 12.80 7.74 6.98
C ASP A 291 12.15 6.41 6.54
N HIS A 292 12.82 5.31 6.88
CA HIS A 292 12.30 3.98 6.54
C HIS A 292 10.86 3.79 7.04
N ALA A 293 9.98 3.32 6.17
CA ALA A 293 8.58 3.10 6.50
C ALA A 293 7.91 4.34 7.11
N GLY A 294 8.41 5.52 6.75
CA GLY A 294 7.84 6.75 7.27
C GLY A 294 6.67 7.29 6.45
N PRO A 295 5.58 7.71 7.09
CA PRO A 295 4.45 8.22 6.30
C PRO A 295 4.58 9.70 5.86
N GLY A 296 5.76 10.29 6.05
CA GLY A 296 5.99 11.67 5.64
C GLY A 296 5.82 12.75 6.71
N LYS A 297 5.06 13.79 6.36
CA LYS A 297 4.78 14.92 7.26
C LYS A 297 3.28 15.06 7.47
N ASN A 298 2.88 15.61 8.62
CA ASN A 298 1.45 15.81 8.87
C ASN A 298 1.00 17.12 8.21
N SER A 299 -0.25 17.49 8.42
CA SER A 299 -0.84 18.70 7.81
C SER A 299 -0.09 19.99 8.13
N LYS A 300 0.50 20.07 9.32
CA LYS A 300 1.23 21.27 9.72
C LYS A 300 2.67 21.23 9.22
N GLY A 301 2.97 20.25 8.37
CA GLY A 301 4.31 20.13 7.83
C GLY A 301 5.35 19.51 8.73
N VAL A 302 4.95 18.93 9.86
CA VAL A 302 5.94 18.32 10.73
C VAL A 302 6.08 16.82 10.44
N ASP A 303 7.32 16.34 10.54
CA ASP A 303 7.64 14.94 10.30
C ASP A 303 7.02 14.01 11.32
N PHE A 304 6.44 12.89 10.86
CA PHE A 304 5.90 11.95 11.83
C PHE A 304 7.09 11.30 12.53
N TYR A 305 8.19 11.14 11.80
CA TYR A 305 9.42 10.54 12.34
C TYR A 305 10.65 11.33 11.88
N GLY A 306 11.73 11.26 12.65
CA GLY A 306 12.96 11.93 12.24
C GLY A 306 13.53 11.08 11.11
N PRO A 307 14.25 11.67 10.14
CA PRO A 307 14.83 10.90 9.03
C PRO A 307 15.77 9.76 9.37
N TYR A 308 16.40 9.82 10.55
CA TYR A 308 17.32 8.75 10.96
C TYR A 308 16.84 7.98 12.18
N ASP A 309 15.61 8.20 12.60
CA ASP A 309 15.09 7.49 13.76
C ASP A 309 15.11 5.96 13.52
N ALA A 310 14.74 5.55 12.31
CA ALA A 310 14.69 4.14 11.98
C ALA A 310 16.08 3.51 12.05
N GLN A 311 17.05 4.12 11.38
CA GLN A 311 18.41 3.59 11.42
C GLN A 311 18.94 3.55 12.85
N GLU A 312 18.56 4.52 13.68
CA GLU A 312 19.06 4.52 15.06
C GLU A 312 18.39 3.46 15.96
N LEU A 313 17.08 3.26 15.79
CA LEU A 313 16.39 2.29 16.62
C LEU A 313 16.93 0.89 16.27
N VAL A 314 17.06 0.62 14.98
CA VAL A 314 17.57 -0.68 14.54
C VAL A 314 18.98 -0.89 15.05
N GLU A 315 19.79 0.17 15.06
CA GLU A 315 21.17 0.07 15.54
C GLU A 315 21.19 -0.27 17.03
N SER A 316 20.22 0.25 17.79
CA SER A 316 20.16 -0.02 19.23
C SER A 316 19.87 -1.48 19.53
N TYR A 317 19.23 -2.18 18.59
CA TYR A 317 18.90 -3.59 18.79
C TYR A 317 19.81 -4.52 17.99
N LYS A 318 20.85 -3.95 17.40
CA LYS A 318 21.78 -4.71 16.58
C LYS A 318 22.31 -6.01 17.18
N HIS A 319 22.55 -6.03 18.48
CA HIS A 319 23.10 -7.23 19.09
C HIS A 319 22.14 -8.37 19.34
N GLU A 320 20.86 -8.15 19.10
CA GLU A 320 19.92 -9.24 19.31
C GLU A 320 19.06 -9.52 18.09
N LEU A 321 19.26 -8.76 17.02
CA LEU A 321 18.45 -8.96 15.82
C LEU A 321 18.88 -10.16 14.99
N ASP A 322 20.17 -10.47 15.00
CA ASP A 322 20.69 -11.61 14.24
C ASP A 322 20.53 -11.47 12.71
N ILE A 323 20.48 -10.24 12.22
CA ILE A 323 20.45 -10.00 10.79
C ILE A 323 21.24 -8.70 10.62
N GLU A 324 22.23 -8.69 9.72
CA GLU A 324 23.06 -7.50 9.53
C GLU A 324 22.39 -6.40 8.76
N VAL A 325 22.46 -5.18 9.30
CA VAL A 325 21.88 -4.03 8.65
C VAL A 325 22.98 -3.34 7.87
N VAL A 326 22.71 -3.11 6.60
CA VAL A 326 23.66 -2.49 5.72
C VAL A 326 23.36 -1.01 5.63
N PRO A 327 24.40 -0.16 5.74
CA PRO A 327 24.20 1.30 5.68
C PRO A 327 23.53 1.74 4.37
N PHE A 328 22.61 2.68 4.48
CA PHE A 328 21.88 3.21 3.33
C PHE A 328 22.71 4.28 2.65
N ARG A 329 23.11 4.03 1.40
CA ARG A 329 23.90 4.99 0.65
C ARG A 329 23.13 5.41 -0.60
N MET A 330 22.19 6.34 -0.47
CA MET A 330 21.43 6.75 -1.66
C MET A 330 22.39 7.36 -2.68
N VAL A 331 22.11 7.13 -3.95
CA VAL A 331 22.97 7.64 -5.00
C VAL A 331 22.26 8.70 -5.83
N THR A 332 23.05 9.46 -6.59
CA THR A 332 22.52 10.50 -7.46
C THR A 332 23.31 10.50 -8.78
N TYR A 333 22.71 11.04 -9.84
CA TYR A 333 23.36 11.02 -11.15
C TYR A 333 24.30 12.19 -11.39
N LEU A 334 25.48 11.90 -11.94
CA LEU A 334 26.50 12.90 -12.26
C LEU A 334 26.53 13.00 -13.79
N PRO A 335 25.81 13.98 -14.35
CA PRO A 335 25.76 14.15 -15.81
C PRO A 335 27.14 14.13 -16.47
N ASP A 336 28.02 15.03 -16.03
CA ASP A 336 29.36 15.16 -16.58
C ASP A 336 30.23 13.93 -16.48
N GLU A 337 29.84 12.96 -15.65
CA GLU A 337 30.62 11.74 -15.52
C GLU A 337 29.84 10.50 -15.95
N ASP A 338 28.62 10.72 -16.42
CA ASP A 338 27.75 9.64 -16.88
C ASP A 338 27.77 8.46 -15.93
N ARG A 339 27.54 8.71 -14.65
CA ARG A 339 27.54 7.63 -13.68
C ARG A 339 26.79 8.06 -12.43
N TYR A 340 26.60 7.11 -11.51
CA TYR A 340 25.91 7.38 -10.26
C TYR A 340 26.92 7.27 -9.14
N ALA A 341 26.75 8.12 -8.14
CA ALA A 341 27.65 8.11 -6.99
C ALA A 341 26.86 8.38 -5.72
N PRO A 342 27.35 7.86 -4.58
CA PRO A 342 26.71 8.05 -3.28
C PRO A 342 26.61 9.54 -2.98
N ILE A 343 25.41 10.00 -2.61
CA ILE A 343 25.23 11.43 -2.31
C ILE A 343 26.12 11.90 -1.15
N ASP A 344 26.54 10.99 -0.29
CA ASP A 344 27.39 11.36 0.84
C ASP A 344 28.85 11.52 0.42
N GLN A 345 29.11 11.31 -0.86
CA GLN A 345 30.47 11.40 -1.38
C GLN A 345 30.65 12.52 -2.43
N ILE A 346 29.56 13.23 -2.74
CA ILE A 346 29.63 14.28 -3.75
C ILE A 346 29.48 15.72 -3.26
N ASP A 347 29.67 16.65 -4.21
CA ASP A 347 29.58 18.09 -3.97
C ASP A 347 30.83 18.55 -3.22
N THR A 348 30.75 19.71 -2.57
CA THR A 348 31.88 20.26 -1.83
C THR A 348 33.01 20.60 -2.79
N THR A 349 33.17 19.79 -3.84
CA THR A 349 34.20 20.01 -4.84
C THR A 349 33.55 20.54 -6.11
N LYS A 350 32.35 21.09 -5.98
CA LYS A 350 31.61 21.64 -7.10
C LYS A 350 31.37 20.57 -8.18
N THR A 351 30.34 19.76 -7.97
CA THR A 351 29.98 18.69 -8.90
C THR A 351 28.50 18.72 -9.27
N ARG A 352 28.23 18.80 -10.56
CA ARG A 352 26.87 18.87 -11.08
C ARG A 352 26.12 17.54 -10.88
N THR A 353 24.89 17.60 -10.37
CA THR A 353 24.10 16.41 -10.15
C THR A 353 22.65 16.62 -10.65
N LEU A 354 21.97 15.54 -10.97
CA LEU A 354 20.60 15.65 -11.45
C LEU A 354 19.69 14.68 -10.71
N ASN A 355 18.45 15.10 -10.48
CA ASN A 355 17.47 14.23 -9.84
C ASN A 355 16.06 14.69 -10.19
N ILE A 356 15.12 13.77 -10.05
CA ILE A 356 13.72 14.06 -10.32
C ILE A 356 12.96 13.64 -9.07
N SER A 357 12.30 14.60 -8.43
CA SER A 357 11.54 14.35 -7.21
C SER A 357 10.23 13.66 -7.55
N GLY A 358 9.56 13.17 -6.51
CA GLY A 358 8.27 12.53 -6.71
C GLY A 358 7.27 13.50 -7.30
N THR A 359 7.28 14.74 -6.80
CA THR A 359 6.35 15.74 -7.30
C THR A 359 6.58 15.99 -8.79
N GLU A 360 7.83 16.12 -9.18
CA GLU A 360 8.17 16.34 -10.59
C GLU A 360 7.79 15.15 -11.45
N LEU A 361 8.07 13.94 -10.97
CA LEU A 361 7.73 12.74 -11.74
C LEU A 361 6.22 12.75 -11.98
N ARG A 362 5.46 13.03 -10.92
CA ARG A 362 4.00 13.06 -11.00
C ARG A 362 3.54 14.06 -12.04
N ARG A 363 4.18 15.22 -12.04
CA ARG A 363 3.85 16.30 -12.97
C ARG A 363 4.05 15.82 -14.39
N ARG A 364 5.24 15.28 -14.66
CA ARG A 364 5.57 14.78 -15.99
C ARG A 364 4.59 13.72 -16.48
N LEU A 365 4.19 12.82 -15.60
CA LEU A 365 3.22 11.80 -16.00
C LEU A 365 1.86 12.43 -16.28
N ARG A 366 1.53 13.49 -15.53
CA ARG A 366 0.25 14.16 -15.73
C ARG A 366 0.18 14.89 -17.08
N VAL A 367 1.28 15.54 -17.47
CA VAL A 367 1.31 16.28 -18.74
C VAL A 367 1.82 15.50 -19.93
N GLY A 368 2.32 14.28 -19.69
CA GLY A 368 2.85 13.47 -20.77
C GLY A 368 4.25 13.92 -21.17
N GLY A 369 5.00 14.44 -20.22
CA GLY A 369 6.35 14.91 -20.50
C GLY A 369 7.42 13.82 -20.46
N GLU A 370 8.55 14.14 -21.09
CA GLU A 370 9.68 13.24 -21.18
C GLU A 370 10.26 12.95 -19.79
N ILE A 371 10.70 11.71 -19.60
CA ILE A 371 11.32 11.27 -18.36
C ILE A 371 12.61 10.57 -18.83
N PRO A 372 13.78 11.16 -18.50
CA PRO A 372 15.13 10.73 -18.85
C PRO A 372 15.55 9.32 -18.45
N GLU A 373 16.29 8.66 -19.33
CA GLU A 373 16.76 7.31 -19.04
C GLU A 373 17.77 7.26 -17.90
N TRP A 374 18.47 8.36 -17.62
CA TRP A 374 19.42 8.34 -16.50
C TRP A 374 18.65 8.25 -15.17
N PHE A 375 17.38 8.63 -15.21
CA PHE A 375 16.56 8.59 -14.00
C PHE A 375 15.84 7.26 -13.84
N SER A 376 15.23 6.78 -14.93
CA SER A 376 14.49 5.53 -14.86
C SER A 376 14.53 4.80 -16.21
N TYR A 377 14.65 3.47 -16.16
CA TYR A 377 14.69 2.69 -17.39
C TYR A 377 13.42 2.97 -18.22
N PRO A 378 13.58 3.16 -19.52
CA PRO A 378 12.40 3.44 -20.35
C PRO A 378 11.27 2.42 -20.25
N GLU A 379 11.59 1.13 -20.12
CA GLU A 379 10.55 0.11 -20.00
C GLU A 379 9.75 0.29 -18.70
N VAL A 380 10.39 0.84 -17.67
CA VAL A 380 9.71 1.10 -16.41
C VAL A 380 8.81 2.32 -16.58
N VAL A 381 9.35 3.36 -17.21
CA VAL A 381 8.57 4.58 -17.47
C VAL A 381 7.33 4.24 -18.29
N LYS A 382 7.48 3.37 -19.27
CA LYS A 382 6.33 3.00 -20.11
C LYS A 382 5.18 2.39 -19.30
N ILE A 383 5.55 1.58 -18.31
CA ILE A 383 4.60 0.93 -17.45
C ILE A 383 3.88 1.97 -16.61
N LEU A 384 4.63 2.91 -16.06
CA LEU A 384 4.05 3.94 -15.23
C LEU A 384 3.07 4.83 -16.03
N ARG A 385 3.41 5.12 -17.28
CA ARG A 385 2.54 5.95 -18.13
C ARG A 385 1.23 5.22 -18.44
N GLU A 386 1.32 3.90 -18.66
CA GLU A 386 0.12 3.11 -18.95
C GLU A 386 -0.84 3.10 -17.80
N SER A 387 -0.30 2.95 -16.59
CA SER A 387 -1.15 2.93 -15.39
C SER A 387 -1.62 4.30 -14.95
N ASN A 388 -0.84 5.34 -15.29
CA ASN A 388 -1.15 6.71 -14.90
C ASN A 388 -1.10 7.56 -16.18
N PRO A 389 -2.07 7.38 -17.09
CA PRO A 389 -2.07 8.15 -18.34
C PRO A 389 -2.17 9.67 -18.16
N PRO A 390 -1.61 10.42 -19.13
CA PRO A 390 -1.63 11.89 -19.08
C PRO A 390 -3.04 12.46 -19.34
N ARG A 391 -3.24 13.72 -19.01
CA ARG A 391 -4.56 14.38 -19.14
C ARG A 391 -5.37 14.16 -20.42
N PRO A 392 -4.73 14.20 -21.61
CA PRO A 392 -5.52 13.99 -22.83
C PRO A 392 -6.16 12.58 -22.88
N LYS A 393 -5.67 11.70 -22.02
CA LYS A 393 -6.17 10.33 -21.97
C LYS A 393 -6.93 10.03 -20.68
N GLN A 394 -7.08 11.02 -19.83
CA GLN A 394 -7.78 10.81 -18.57
C GLN A 394 -9.27 11.04 -18.71
N GLY A 395 -10.05 10.37 -17.84
CA GLY A 395 -11.48 10.56 -17.85
C GLY A 395 -11.83 11.74 -16.94
N PHE A 396 -13.11 12.10 -16.90
CA PHE A 396 -13.54 13.21 -16.06
C PHE A 396 -15.06 13.23 -16.02
N SER A 397 -15.60 14.06 -15.12
CA SER A 397 -17.04 14.24 -15.02
C SER A 397 -17.31 15.73 -14.82
N ILE A 398 -18.36 16.20 -15.48
CA ILE A 398 -18.81 17.58 -15.30
C ILE A 398 -20.21 17.41 -14.68
N VAL A 399 -20.41 17.98 -13.50
CA VAL A 399 -21.69 17.86 -12.80
C VAL A 399 -22.47 19.18 -12.92
N LEU A 400 -23.70 19.12 -13.44
CA LEU A 400 -24.50 20.33 -13.57
C LEU A 400 -25.03 20.66 -12.16
N GLY A 401 -24.52 21.74 -11.58
CA GLY A 401 -24.91 22.12 -10.23
C GLY A 401 -26.37 22.46 -9.97
N ASN A 402 -26.76 22.38 -8.70
CA ASN A 402 -28.13 22.68 -8.31
C ASN A 402 -28.62 24.09 -8.69
N SER A 403 -27.71 25.05 -8.72
CA SER A 403 -28.07 26.44 -9.04
C SER A 403 -28.64 26.64 -10.46
N LEU A 404 -28.25 25.78 -11.40
CA LEU A 404 -28.70 25.94 -12.78
C LEU A 404 -30.20 25.98 -13.01
N THR A 405 -30.65 26.97 -13.77
CA THR A 405 -32.06 27.09 -14.11
C THR A 405 -32.28 26.86 -15.60
N VAL A 406 -31.19 26.74 -16.38
CA VAL A 406 -31.31 26.46 -17.81
C VAL A 406 -31.75 25.00 -17.89
N SER A 407 -32.26 24.57 -19.04
CA SER A 407 -32.67 23.17 -19.24
C SER A 407 -31.45 22.26 -19.03
N ARG A 408 -31.55 21.29 -18.12
CA ARG A 408 -30.45 20.35 -17.86
C ARG A 408 -30.35 19.35 -19.00
N GLU A 409 -31.49 18.99 -19.58
CA GLU A 409 -31.50 18.04 -20.68
C GLU A 409 -30.79 18.65 -21.91
N GLN A 410 -31.13 19.90 -22.20
CA GLN A 410 -30.53 20.58 -23.35
C GLN A 410 -29.06 20.89 -23.10
N LEU A 411 -28.72 21.35 -21.90
CA LEU A 411 -27.32 21.64 -21.65
C LEU A 411 -26.45 20.36 -21.72
N SER A 412 -27.01 19.22 -21.28
CA SER A 412 -26.26 17.94 -21.30
C SER A 412 -26.03 17.49 -22.73
N ILE A 413 -27.08 17.60 -23.52
CA ILE A 413 -27.04 17.25 -24.92
C ILE A 413 -26.04 18.17 -25.64
N ALA A 414 -26.06 19.46 -25.33
CA ALA A 414 -25.12 20.38 -25.97
C ALA A 414 -23.68 20.03 -25.61
N LEU A 415 -23.45 19.67 -24.35
CA LEU A 415 -22.09 19.32 -23.97
C LEU A 415 -21.64 18.06 -24.69
N LEU A 416 -22.49 17.04 -24.75
CA LEU A 416 -22.15 15.77 -25.42
C LEU A 416 -21.83 16.00 -26.91
N SER A 417 -22.75 16.65 -27.62
CA SER A 417 -22.52 16.92 -29.05
C SER A 417 -21.23 17.70 -29.25
N THR A 418 -20.98 18.70 -28.40
CA THR A 418 -19.76 19.50 -28.49
C THR A 418 -18.51 18.63 -28.29
N PHE A 419 -18.50 17.85 -27.21
CA PHE A 419 -17.34 16.98 -26.95
C PHE A 419 -17.11 15.98 -28.08
N LEU A 420 -18.18 15.44 -28.65
CA LEU A 420 -18.01 14.47 -29.72
C LEU A 420 -17.32 15.03 -30.97
N GLN A 421 -17.20 16.35 -31.08
CA GLN A 421 -16.52 16.95 -32.24
C GLN A 421 -15.01 16.76 -32.19
N PHE A 422 -14.48 16.80 -30.98
CA PHE A 422 -13.05 16.74 -30.76
C PHE A 422 -12.48 15.35 -31.08
N GLY A 423 -11.25 15.27 -31.53
CA GLY A 423 -10.71 13.93 -31.80
C GLY A 423 -10.31 13.27 -30.48
N GLY A 424 -9.40 12.31 -30.55
CA GLY A 424 -8.90 11.73 -29.32
C GLY A 424 -9.30 10.34 -28.93
N GLY A 425 -10.55 9.95 -29.17
CA GLY A 425 -10.95 8.62 -28.79
C GLY A 425 -11.61 8.49 -27.42
N ARG A 426 -11.80 9.59 -26.69
CA ARG A 426 -12.47 9.49 -25.40
C ARG A 426 -13.92 9.12 -25.64
N TYR A 427 -14.46 8.30 -24.75
CA TYR A 427 -15.86 7.88 -24.84
C TYR A 427 -16.67 8.81 -23.93
N TYR A 428 -17.81 9.31 -24.42
CA TYR A 428 -18.63 10.22 -23.64
C TYR A 428 -20.04 9.67 -23.31
N LYS A 429 -20.58 10.09 -22.17
CA LYS A 429 -21.90 9.63 -21.79
C LYS A 429 -22.62 10.58 -20.84
N ILE A 430 -23.91 10.81 -21.08
CA ILE A 430 -24.70 11.63 -20.16
C ILE A 430 -25.11 10.56 -19.14
N PHE A 431 -24.73 10.78 -17.90
CA PHE A 431 -24.94 9.78 -16.85
C PHE A 431 -25.88 10.20 -15.75
N GLU A 432 -27.04 9.56 -15.70
CA GLU A 432 -28.03 9.85 -14.69
C GLU A 432 -27.88 8.83 -13.59
N HIS A 433 -27.59 9.30 -12.37
CA HIS A 433 -27.41 8.39 -11.24
C HIS A 433 -28.68 8.28 -10.37
N ASN A 434 -29.56 9.27 -10.46
CA ASN A 434 -30.80 9.29 -9.69
C ASN A 434 -30.56 9.02 -8.21
N ASN A 435 -29.42 9.49 -7.72
CA ASN A 435 -29.02 9.35 -6.33
C ASN A 435 -28.97 7.90 -5.83
N LYS A 436 -28.79 6.95 -6.74
CA LYS A 436 -28.68 5.53 -6.37
C LYS A 436 -27.23 5.10 -6.20
N THR A 437 -26.91 4.50 -5.05
CA THR A 437 -25.55 4.06 -4.78
C THR A 437 -24.97 3.14 -5.85
N GLU A 438 -25.77 2.25 -6.41
CA GLU A 438 -25.30 1.32 -7.44
C GLU A 438 -24.86 2.05 -8.73
N LEU A 439 -25.34 3.26 -8.94
CA LEU A 439 -24.94 4.03 -10.13
C LEU A 439 -23.82 5.00 -9.76
N LEU A 440 -23.94 5.61 -8.58
CA LEU A 440 -22.95 6.58 -8.12
C LEU A 440 -21.57 5.96 -8.00
N SER A 441 -21.52 4.71 -7.56
CA SER A 441 -20.25 4.03 -7.38
C SER A 441 -19.55 3.70 -8.71
N LEU A 442 -20.25 3.88 -9.83
CA LEU A 442 -19.67 3.60 -11.13
C LEU A 442 -19.00 4.84 -11.74
N ILE A 443 -19.23 6.00 -11.15
CA ILE A 443 -18.64 7.21 -11.68
C ILE A 443 -17.13 7.12 -11.80
N GLN A 444 -16.45 6.70 -10.74
CA GLN A 444 -15.00 6.60 -10.83
C GLN A 444 -14.54 5.46 -11.72
N ASP A 445 -15.42 4.49 -11.97
CA ASP A 445 -15.08 3.39 -12.86
C ASP A 445 -15.01 3.92 -14.30
N PHE A 446 -15.98 4.77 -14.66
CA PHE A 446 -15.95 5.38 -15.99
C PHE A 446 -14.77 6.34 -16.10
N ILE A 447 -14.53 7.13 -15.05
CA ILE A 447 -13.40 8.06 -15.10
C ILE A 447 -12.09 7.27 -15.24
N GLY A 448 -11.97 6.18 -14.47
CA GLY A 448 -10.78 5.33 -14.53
C GLY A 448 -10.61 4.70 -15.91
N SER A 449 -11.69 4.55 -16.67
CA SER A 449 -11.59 3.97 -18.00
C SER A 449 -11.25 5.06 -19.03
N GLY A 450 -11.08 6.29 -18.56
CA GLY A 450 -10.76 7.42 -19.45
C GLY A 450 -11.97 8.14 -20.05
N SER A 451 -13.17 7.75 -19.61
CA SER A 451 -14.40 8.35 -20.18
C SER A 451 -14.81 9.69 -19.60
N GLY A 452 -15.60 10.44 -20.39
CA GLY A 452 -16.07 11.74 -19.95
C GLY A 452 -17.57 11.65 -19.71
N LEU A 453 -17.97 11.90 -18.47
CA LEU A 453 -19.36 11.81 -18.10
C LEU A 453 -19.95 13.19 -17.94
N ILE A 454 -21.20 13.33 -18.37
CA ILE A 454 -21.91 14.59 -18.20
C ILE A 454 -23.06 14.19 -17.26
N ILE A 455 -23.03 14.70 -16.04
CA ILE A 455 -24.00 14.37 -15.01
C ILE A 455 -24.94 15.54 -14.80
N PRO A 456 -26.19 15.38 -15.26
CA PRO A 456 -27.25 16.41 -15.18
C PRO A 456 -27.73 16.96 -13.85
N ASP A 457 -27.39 16.30 -12.75
CA ASP A 457 -27.76 16.81 -11.43
C ASP A 457 -26.87 16.24 -10.33
N GLN A 458 -26.73 17.01 -9.27
CA GLN A 458 -25.90 16.58 -8.16
C GLN A 458 -26.62 15.50 -7.37
N TRP A 459 -25.84 14.73 -6.64
CA TRP A 459 -26.36 13.68 -5.77
C TRP A 459 -26.53 14.33 -4.39
N GLU A 460 -27.25 13.66 -3.49
CA GLU A 460 -27.45 14.22 -2.15
C GLU A 460 -26.12 14.16 -1.39
N ASP A 461 -25.95 15.11 -0.46
CA ASP A 461 -24.74 15.21 0.34
C ASP A 461 -24.35 13.94 1.11
N ASP A 462 -25.33 13.18 1.58
CA ASP A 462 -24.98 11.99 2.34
C ASP A 462 -24.55 10.85 1.44
N LYS A 463 -24.37 11.14 0.16
CA LYS A 463 -23.93 10.14 -0.81
C LYS A 463 -22.54 10.49 -1.32
N ASP A 464 -22.06 11.68 -0.93
CA ASP A 464 -20.75 12.15 -1.35
C ASP A 464 -19.66 11.10 -1.18
N SER A 465 -19.66 10.47 -0.01
CA SER A 465 -18.66 9.47 0.29
C SER A 465 -18.62 8.34 -0.73
N VAL A 466 -19.71 8.14 -1.45
CA VAL A 466 -19.75 7.06 -2.46
C VAL A 466 -18.98 7.43 -3.73
N VAL A 467 -18.85 8.72 -4.01
CA VAL A 467 -18.16 9.16 -5.23
C VAL A 467 -16.81 9.80 -4.96
N GLY A 468 -15.75 9.22 -5.53
CA GLY A 468 -14.42 9.78 -5.34
C GLY A 468 -14.38 11.16 -5.98
N LYS A 469 -13.50 12.05 -5.54
CA LYS A 469 -13.48 13.37 -6.10
C LYS A 469 -12.52 13.62 -7.25
N GLN A 470 -11.66 12.65 -7.56
CA GLN A 470 -10.69 12.81 -8.62
C GLN A 470 -11.32 13.08 -9.99
N ASN A 471 -10.94 14.19 -10.61
CA ASN A 471 -11.42 14.56 -11.94
C ASN A 471 -12.92 14.79 -12.04
N VAL A 472 -13.57 15.11 -10.92
CA VAL A 472 -15.01 15.42 -10.92
C VAL A 472 -15.08 16.93 -10.73
N TYR A 473 -15.74 17.62 -11.66
CA TYR A 473 -15.81 19.06 -11.64
C TYR A 473 -17.25 19.58 -11.56
N LEU A 474 -17.48 20.51 -10.64
CA LEU A 474 -18.81 21.10 -10.41
C LEU A 474 -18.98 22.40 -11.21
N LEU A 475 -20.03 22.44 -12.04
CA LEU A 475 -20.37 23.61 -12.85
C LEU A 475 -21.50 24.25 -12.05
N ASP A 476 -21.27 25.45 -11.52
CA ASP A 476 -22.31 26.07 -10.69
C ASP A 476 -21.97 27.55 -10.45
N THR A 477 -22.92 28.30 -9.90
CA THR A 477 -22.68 29.73 -9.61
C THR A 477 -21.92 29.92 -8.30
N SER A 478 -21.99 28.94 -7.40
CA SER A 478 -21.32 29.07 -6.11
C SER A 478 -19.82 29.26 -6.25
N SER A 479 -19.21 29.95 -5.30
CA SER A 479 -17.79 30.21 -5.34
C SER A 479 -16.99 28.93 -5.17
N SER A 480 -17.66 27.87 -4.71
CA SER A 480 -17.01 26.60 -4.54
C SER A 480 -16.96 25.82 -5.87
N ALA A 481 -17.73 26.28 -6.86
CA ALA A 481 -17.75 25.60 -8.17
C ALA A 481 -16.37 25.51 -8.81
N ASP A 482 -16.09 24.41 -9.50
CA ASP A 482 -14.82 24.27 -10.20
C ASP A 482 -14.88 25.11 -11.47
N ILE A 483 -16.05 25.13 -12.08
CA ILE A 483 -16.30 25.90 -13.28
C ILE A 483 -17.44 26.82 -12.87
N GLN A 484 -17.09 28.07 -12.56
CA GLN A 484 -18.09 29.04 -12.10
C GLN A 484 -18.90 29.74 -13.16
N LEU A 485 -20.21 29.67 -13.01
CA LEU A 485 -21.15 30.30 -13.93
C LEU A 485 -21.30 31.75 -13.55
N GLU A 486 -21.48 32.60 -14.57
CA GLU A 486 -21.64 34.03 -14.33
C GLU A 486 -23.01 34.22 -13.68
N SER A 487 -23.97 33.38 -14.06
CA SER A 487 -25.31 33.46 -13.49
C SER A 487 -26.02 32.12 -13.70
N ALA A 488 -27.09 31.90 -12.96
CA ALA A 488 -27.84 30.65 -13.04
C ALA A 488 -28.50 30.38 -14.38
N ASP A 489 -28.78 31.44 -15.13
CA ASP A 489 -29.43 31.26 -16.40
C ASP A 489 -28.53 31.67 -17.57
N GLU A 490 -27.21 31.58 -17.38
CA GLU A 490 -26.24 31.94 -18.44
C GLU A 490 -26.65 31.14 -19.67
N PRO A 491 -26.57 31.74 -20.89
CA PRO A 491 -26.96 31.01 -22.11
C PRO A 491 -26.18 29.72 -22.30
N ILE A 492 -26.86 28.67 -22.77
CA ILE A 492 -26.24 27.36 -22.98
C ILE A 492 -24.94 27.42 -23.80
N SER A 493 -24.93 28.18 -24.88
CA SER A 493 -23.73 28.26 -25.70
C SER A 493 -22.59 28.90 -24.91
N HIS A 494 -22.89 29.87 -24.04
CA HIS A 494 -21.78 30.44 -23.24
C HIS A 494 -21.28 29.45 -22.20
N ILE A 495 -22.20 28.67 -21.64
CA ILE A 495 -21.81 27.67 -20.63
C ILE A 495 -20.92 26.59 -21.30
N VAL A 496 -21.32 26.16 -22.49
CA VAL A 496 -20.56 25.14 -23.19
C VAL A 496 -19.13 25.62 -23.40
N GLN A 497 -18.98 26.87 -23.84
CA GLN A 497 -17.62 27.38 -24.06
C GLN A 497 -16.81 27.43 -22.77
N LYS A 498 -17.44 27.84 -21.67
CA LYS A 498 -16.72 27.87 -20.40
C LYS A 498 -16.19 26.46 -20.08
N VAL A 499 -17.03 25.46 -20.26
CA VAL A 499 -16.62 24.11 -19.94
C VAL A 499 -15.51 23.61 -20.85
N VAL A 500 -15.66 23.81 -22.17
CA VAL A 500 -14.62 23.36 -23.10
C VAL A 500 -13.28 24.01 -22.77
N LEU A 501 -13.28 25.32 -22.53
CA LEU A 501 -12.02 26.01 -22.25
C LEU A 501 -11.40 25.62 -20.90
N PHE A 502 -12.23 25.29 -19.93
CA PHE A 502 -11.75 24.84 -18.64
C PHE A 502 -11.06 23.48 -18.87
N LEU A 503 -11.71 22.60 -19.61
CA LEU A 503 -11.14 21.28 -19.87
C LEU A 503 -9.83 21.38 -20.66
N GLU A 504 -9.76 22.32 -21.61
CA GLU A 504 -8.54 22.48 -22.37
C GLU A 504 -7.44 23.01 -21.45
N ASP A 505 -7.78 23.99 -20.62
CA ASP A 505 -6.81 24.59 -19.72
C ASP A 505 -6.25 23.55 -18.77
N ASN A 506 -7.06 22.55 -18.45
CA ASN A 506 -6.61 21.50 -17.55
C ASN A 506 -6.04 20.26 -18.25
N GLY A 507 -5.86 20.36 -19.57
CA GLY A 507 -5.21 19.30 -20.33
C GLY A 507 -5.98 18.13 -20.89
N PHE A 508 -7.28 18.08 -20.62
CA PHE A 508 -8.12 16.98 -21.09
C PHE A 508 -8.31 17.00 -22.61
N PHE A 509 -8.27 18.18 -23.20
CA PHE A 509 -8.42 18.32 -24.65
C PHE A 509 -7.16 19.01 -25.13
N VAL A 510 -6.58 18.53 -26.23
CA VAL A 510 -5.41 19.16 -26.82
C VAL A 510 -5.75 19.40 -28.29
N PHE A 511 -5.58 20.64 -28.76
CA PHE A 511 -5.89 20.95 -30.16
C PHE A 511 -4.66 21.34 -31.01
CD CD B . -3.77 -8.08 -6.80
CD CD C . -4.74 -7.63 2.78
CD CD D . -5.90 -35.50 8.30
CD CD E . 11.73 -20.77 -8.35
CD CD F . 29.31 -18.23 1.15
CA CA G . -14.48 2.52 18.12
NA NA H . -20.44 -14.06 -0.65
CA CA I . 12.33 16.44 7.79
CA CA J . -31.42 36.50 -16.03
MG MG K . -1.89 -15.90 -0.18
NA NA L . 13.88 11.47 16.55
S SO4 M . 9.45 2.56 2.53
O1 SO4 M . 9.67 3.44 1.38
O2 SO4 M . 10.61 2.60 3.44
O3 SO4 M . 8.26 3.03 3.27
O4 SO4 M . 9.22 1.18 2.08
S SO4 N . -4.24 -10.70 -4.14
O1 SO4 N . -4.77 -10.67 -2.76
O2 SO4 N . -4.11 -9.31 -4.68
O3 SO4 N . -2.92 -11.32 -4.19
O4 SO4 N . -5.13 -11.50 -5.00
C TRS O . 21.98 -18.65 6.42
C1 TRS O . 20.51 -19.15 6.68
C2 TRS O . 22.59 -18.14 7.75
C3 TRS O . 22.05 -17.45 5.41
N TRS O . 22.59 -19.80 5.75
O1 TRS O . 20.42 -19.72 7.97
O2 TRS O . 23.37 -19.17 8.34
O3 TRS O . 20.72 -16.83 5.30
C ACY P . -5.03 -34.34 5.95
O ACY P . -5.84 -33.72 6.73
OXT ACY P . -4.44 -35.37 6.22
CH3 ACY P . -4.79 -33.71 4.54
C ACY Q . 29.00 -19.59 -0.68
O ACY Q . 28.37 -18.51 -0.56
OXT ACY Q . 29.91 -19.98 0.10
CH3 ACY Q . 28.60 -20.50 -1.87
C ACY R . -22.00 35.05 -20.11
O ACY R . -23.23 34.88 -20.45
OXT ACY R . -21.03 34.42 -20.54
CH3 ACY R . -21.73 36.17 -19.07
C ACY S . 9.41 -22.94 -4.37
O ACY S . 8.69 -23.40 -5.37
OXT ACY S . 9.58 -21.72 -4.09
CH3 ACY S . 10.12 -24.02 -3.49
C ACY T . 0.92 13.19 21.18
O ACY T . 1.80 13.10 22.11
OXT ACY T . 1.15 13.44 19.99
CH3 ACY T . -0.55 12.95 21.61
C ACY U . 2.77 -16.06 20.36
O ACY U . 1.83 -16.13 19.47
OXT ACY U . 3.15 -15.02 20.99
CH3 ACY U . 3.48 -17.41 20.66
C ACY V . 9.21 -2.69 31.79
O ACY V . 8.39 -3.67 31.84
OXT ACY V . 9.05 -1.62 31.19
CH3 ACY V . 10.54 -2.88 32.59
C ACY W . 13.20 -20.52 -10.62
O ACY W . 13.87 -20.68 -9.55
OXT ACY W . 11.98 -20.65 -10.79
CH3 ACY W . 14.05 -20.10 -11.86
C ACY X . 30.40 -18.10 3.59
O ACY X . 29.64 -17.16 3.16
OXT ACY X . 30.86 -19.04 2.91
CH3 ACY X . 30.73 -18.08 5.10
C ACY Y . -6.25 -7.52 -6.81
O ACY Y . -5.39 -6.66 -6.32
OXT ACY Y . -6.00 -8.65 -7.29
CH3 ACY Y . -7.77 -7.10 -6.77
C ACY Z . 9.89 18.85 10.89
O ACY Z . 9.79 18.09 11.91
OXT ACY Z . 10.67 18.70 9.92
CH3 ACY Z . 8.95 20.08 10.88
#